data_4DWL
#
_entry.id   4DWL
#
_cell.length_a   54.317
_cell.length_b   63.072
_cell.length_c   105.295
_cell.angle_alpha   90.00
_cell.angle_beta   103.77
_cell.angle_gamma   90.00
#
_symmetry.space_group_name_H-M   'P 1 21 1'
#
loop_
_entity.id
_entity.type
_entity.pdbx_description
1 polymer Bbp7
2 non-polymer 'PHOSPHATE ION'
3 water water
#
_entity_poly.entity_id   1
_entity_poly.type   'polypeptide(L)'
_entity_poly.pdbx_seq_one_letter_code
;GSH(MSE)EPIEEATKCYDQ(MSE)LIVERYERVISYLYPIAQSIPRKHGVARE(MSE)FLKCLLGQVELFIVAGKSNQV
SKLYAADAGLA(MSE)LRFWLRFLAGIQKPHA(MSE)TPHQVETAQVLIAEVGRILGSWIARVNRKGQAGK
;
_entity_poly.pdbx_strand_id   A,B,E,C,D
#
loop_
_chem_comp.id
_chem_comp.type
_chem_comp.name
_chem_comp.formula
PO4 non-polymer 'PHOSPHATE ION' 'O4 P -3'
#
# COMPACT_ATOMS: atom_id res chain seq x y z
N MSE A 17 -18.63 11.10 14.27
CA MSE A 17 -19.57 10.25 13.54
C MSE A 17 -20.80 10.97 12.95
O MSE A 17 -21.65 10.32 12.33
CB MSE A 17 -20.00 9.02 14.37
CG MSE A 17 -20.55 9.30 15.76
SE MSE A 17 -22.31 10.18 15.86
CE MSE A 17 -22.19 10.88 17.69
N LEU A 18 -20.92 12.28 13.15
CA LEU A 18 -21.92 13.01 12.37
C LEU A 18 -21.36 13.27 10.97
N ILE A 19 -20.11 13.72 10.91
CA ILE A 19 -19.43 13.95 9.64
C ILE A 19 -19.38 12.67 8.82
N VAL A 20 -19.29 11.52 9.50
CA VAL A 20 -19.26 10.26 8.79
C VAL A 20 -20.66 9.90 8.29
N GLU A 21 -21.68 10.17 9.10
CA GLU A 21 -23.06 9.94 8.66
C GLU A 21 -23.35 10.76 7.40
N ARG A 22 -22.93 12.03 7.41
CA ARG A 22 -23.05 12.88 6.23
C ARG A 22 -22.27 12.33 5.06
N TYR A 23 -21.07 11.84 5.35
CA TYR A 23 -20.23 11.31 4.29
C TYR A 23 -20.77 10.01 3.70
N GLU A 24 -21.49 9.23 4.50
CA GLU A 24 -22.12 8.04 3.96
C GLU A 24 -23.10 8.38 2.85
N ARG A 25 -23.68 9.57 2.93
CA ARG A 25 -24.57 10.06 1.88
C ARG A 25 -23.82 10.24 0.58
N VAL A 26 -22.63 10.84 0.64
CA VAL A 26 -21.74 10.91 -0.52
C VAL A 26 -21.44 9.51 -1.07
N ILE A 27 -21.20 8.55 -0.19
CA ILE A 27 -20.88 7.18 -0.59
C ILE A 27 -22.05 6.52 -1.29
N SER A 28 -23.22 6.61 -0.72
CA SER A 28 -24.36 5.93 -1.30
C SER A 28 -24.79 6.53 -2.64
N TYR A 29 -24.54 7.82 -2.83
CA TYR A 29 -24.73 8.41 -4.16
C TYR A 29 -23.65 7.99 -5.14
N LEU A 30 -22.40 8.02 -4.70
CA LEU A 30 -21.30 7.79 -5.62
C LEU A 30 -20.89 6.31 -5.80
N TYR A 31 -21.18 5.46 -4.83
CA TYR A 31 -20.72 4.08 -4.96
C TYR A 31 -21.33 3.31 -6.13
N PRO A 32 -22.67 3.33 -6.27
CA PRO A 32 -23.25 2.66 -7.44
C PRO A 32 -22.78 3.25 -8.77
N ILE A 33 -22.50 4.56 -8.83
CA ILE A 33 -21.98 5.17 -10.06
C ILE A 33 -20.54 4.74 -10.36
N ALA A 34 -19.71 4.80 -9.33
CA ALA A 34 -18.33 4.32 -9.38
C ALA A 34 -18.26 2.89 -9.85
N GLN A 35 -19.11 2.07 -9.25
CA GLN A 35 -19.15 0.64 -9.51
C GLN A 35 -19.50 0.38 -10.97
N SER A 36 -20.36 1.25 -11.52
CA SER A 36 -20.86 1.17 -12.89
C SER A 36 -19.87 1.64 -13.95
N ILE A 37 -18.78 2.25 -13.50
CA ILE A 37 -17.75 2.74 -14.41
C ILE A 37 -17.24 1.54 -15.21
N PRO A 38 -17.25 1.66 -16.56
CA PRO A 38 -16.82 0.58 -17.45
C PRO A 38 -15.47 0.04 -17.03
N ARG A 39 -15.28 -1.27 -17.15
CA ARG A 39 -14.03 -1.94 -16.79
C ARG A 39 -12.80 -1.44 -17.56
N LYS A 40 -13.01 -0.80 -18.72
CA LYS A 40 -11.89 -0.31 -19.55
C LYS A 40 -11.08 0.73 -18.79
N HIS A 41 -11.73 1.36 -17.82
CA HIS A 41 -11.08 2.28 -16.91
C HIS A 41 -10.88 1.62 -15.54
N GLY A 42 -10.56 0.33 -15.58
CA GLY A 42 -10.50 -0.52 -14.40
C GLY A 42 -9.59 0.01 -13.32
N VAL A 43 -8.43 0.50 -13.70
CA VAL A 43 -7.45 1.01 -12.75
C VAL A 43 -7.97 2.27 -12.06
N ALA A 44 -8.39 3.25 -12.86
CA ALA A 44 -8.98 4.48 -12.34
C ALA A 44 -10.21 4.21 -11.51
N ARG A 45 -11.08 3.36 -12.02
CA ARG A 45 -12.28 2.93 -11.30
C ARG A 45 -11.96 2.41 -9.92
N GLU A 46 -10.87 1.66 -9.81
CA GLU A 46 -10.46 1.11 -8.51
C GLU A 46 -9.90 2.18 -7.59
N MSE A 47 -9.13 3.10 -8.16
CA MSE A 47 -8.52 4.13 -7.34
C MSE A 47 -9.62 5.02 -6.80
O MSE A 47 -9.61 5.38 -5.62
CB MSE A 47 -7.50 4.93 -8.13
CG MSE A 47 -6.31 4.11 -8.59
SE MSE A 47 -5.04 5.16 -9.63
CE MSE A 47 -4.37 6.33 -8.22
N PHE A 48 -10.57 5.36 -7.67
CA PHE A 48 -11.75 6.11 -7.29
C PHE A 48 -12.42 5.44 -6.10
N LEU A 49 -12.82 4.19 -6.30
CA LEU A 49 -13.45 3.40 -5.25
C LEU A 49 -12.63 3.40 -3.96
N LYS A 50 -11.30 3.32 -4.07
CA LYS A 50 -10.52 3.25 -2.83
C LYS A 50 -10.48 4.59 -2.13
N CYS A 51 -10.48 5.66 -2.90
CA CYS A 51 -10.48 7.00 -2.35
C CYS A 51 -11.82 7.30 -1.64
N LEU A 52 -12.92 6.96 -2.33
CA LEU A 52 -14.28 7.18 -1.85
C LEU A 52 -14.55 6.55 -0.49
N LEU A 53 -14.16 5.27 -0.37
CA LEU A 53 -14.38 4.47 0.82
C LEU A 53 -13.28 4.66 1.87
N GLY A 54 -12.03 4.76 1.41
CA GLY A 54 -10.93 4.92 2.33
C GLY A 54 -11.11 6.16 3.16
N GLN A 55 -11.88 7.09 2.61
CA GLN A 55 -12.01 8.42 3.16
C GLN A 55 -12.63 8.34 4.54
N VAL A 56 -13.48 7.33 4.75
CA VAL A 56 -14.06 7.14 6.06
C VAL A 56 -12.96 6.95 7.11
N GLU A 57 -11.95 6.16 6.76
CA GLU A 57 -10.83 5.98 7.65
C GLU A 57 -10.08 7.28 7.95
N LEU A 58 -9.99 8.18 6.96
CA LEU A 58 -9.39 9.50 7.21
C LEU A 58 -10.15 10.27 8.29
N PHE A 59 -11.46 10.12 8.32
CA PHE A 59 -12.27 10.77 9.34
C PHE A 59 -12.16 10.05 10.67
N ILE A 60 -12.12 8.72 10.62
CA ILE A 60 -12.05 7.94 11.85
C ILE A 60 -10.73 8.20 12.54
N VAL A 61 -9.64 8.15 11.79
CA VAL A 61 -8.30 8.42 12.31
C VAL A 61 -8.23 9.80 12.98
N ALA A 62 -8.73 10.82 12.29
CA ALA A 62 -8.91 12.16 12.86
C ALA A 62 -9.79 12.09 14.12
N GLY A 63 -10.86 11.32 14.05
CA GLY A 63 -11.78 11.21 15.17
C GLY A 63 -11.18 10.57 16.41
N LYS A 64 -10.47 9.45 16.24
CA LYS A 64 -9.82 8.72 17.35
C LYS A 64 -8.55 9.46 17.79
N SER A 65 -8.46 10.73 17.44
CA SER A 65 -7.25 11.48 17.70
C SER A 65 -7.46 12.99 17.93
N ASN A 66 -6.39 13.64 18.33
CA ASN A 66 -6.44 15.05 18.67
C ASN A 66 -5.95 15.91 17.52
N GLN A 67 -4.82 15.50 16.95
CA GLN A 67 -4.00 16.31 16.04
C GLN A 67 -4.77 16.88 14.84
N VAL A 68 -4.67 18.19 14.67
CA VAL A 68 -5.27 18.86 13.51
C VAL A 68 -4.68 18.38 12.19
N SER A 69 -3.43 17.92 12.24
CA SER A 69 -2.75 17.48 11.03
C SER A 69 -3.55 16.36 10.36
N LYS A 70 -4.26 15.58 11.20
CA LYS A 70 -5.06 14.45 10.77
C LYS A 70 -6.39 14.90 10.17
N LEU A 71 -6.93 16.00 10.70
CA LEU A 71 -8.10 16.64 10.14
C LEU A 71 -7.78 17.30 8.78
N TYR A 72 -6.53 17.75 8.62
CA TYR A 72 -6.08 18.29 7.34
C TYR A 72 -6.00 17.21 6.28
N ALA A 73 -5.53 16.03 6.67
CA ALA A 73 -5.39 14.92 5.73
C ALA A 73 -6.76 14.43 5.28
N ALA A 74 -7.74 14.58 6.14
CA ALA A 74 -9.10 14.23 5.79
C ALA A 74 -9.64 15.27 4.78
N ASP A 75 -9.13 16.49 4.88
CA ASP A 75 -9.50 17.56 3.97
C ASP A 75 -8.80 17.40 2.60
N ALA A 76 -7.59 16.88 2.60
CA ALA A 76 -6.93 16.57 1.33
C ALA A 76 -7.68 15.45 0.63
N GLY A 77 -8.20 14.50 1.42
CA GLY A 77 -8.90 13.34 0.90
C GLY A 77 -10.09 13.77 0.06
N LEU A 78 -10.88 14.69 0.62
CA LEU A 78 -12.01 15.28 -0.05
C LEU A 78 -11.56 16.02 -1.30
N ALA A 79 -10.43 16.71 -1.20
CA ALA A 79 -9.92 17.46 -2.33
C ALA A 79 -9.53 16.49 -3.44
N MSE A 80 -9.02 15.33 -3.06
CA MSE A 80 -8.67 14.29 -4.04
C MSE A 80 -9.93 13.64 -4.61
O MSE A 80 -9.97 13.20 -5.76
CB MSE A 80 -7.75 13.23 -3.41
CG MSE A 80 -7.29 12.12 -4.37
SE MSE A 80 -6.26 12.84 -5.89
CE MSE A 80 -5.92 11.23 -6.94
N LEU A 81 -10.98 13.56 -3.81
CA LEU A 81 -12.21 12.97 -4.29
C LEU A 81 -12.81 13.88 -5.36
N ARG A 82 -12.74 15.19 -5.12
CA ARG A 82 -13.26 16.17 -6.07
C ARG A 82 -12.47 16.11 -7.38
N PHE A 83 -11.19 15.77 -7.30
CA PHE A 83 -10.41 15.59 -8.52
C PHE A 83 -10.95 14.41 -9.32
N TRP A 84 -11.27 13.31 -8.64
CA TRP A 84 -11.77 12.12 -9.30
C TRP A 84 -13.05 12.39 -10.09
N LEU A 85 -13.92 13.20 -9.49
CA LEU A 85 -15.16 13.61 -10.14
C LEU A 85 -14.86 14.33 -11.45
N ARG A 86 -14.07 15.42 -11.37
CA ARG A 86 -13.67 16.17 -12.55
C ARG A 86 -13.00 15.31 -13.59
N PHE A 87 -12.19 14.36 -13.13
CA PHE A 87 -11.50 13.49 -14.07
C PHE A 87 -12.49 12.54 -14.73
N LEU A 88 -13.38 11.93 -13.95
CA LEU A 88 -14.29 10.96 -14.51
C LEU A 88 -15.39 11.53 -15.42
N ALA A 89 -15.82 12.75 -15.14
CA ALA A 89 -16.79 13.41 -16.02
C ALA A 89 -16.16 13.80 -17.34
N GLY A 90 -14.85 13.98 -17.34
CA GLY A 90 -14.13 14.42 -18.52
C GLY A 90 -13.73 13.30 -19.47
N ILE A 91 -13.37 12.14 -18.95
CA ILE A 91 -12.72 11.09 -19.77
C ILE A 91 -13.60 10.40 -20.80
N GLN A 92 -12.94 9.66 -21.68
CA GLN A 92 -13.47 9.27 -22.97
C GLN A 92 -13.14 7.85 -23.31
N LYS A 93 -13.82 7.35 -24.34
CA LYS A 93 -13.55 6.03 -24.89
C LYS A 93 -13.38 4.95 -23.83
N PRO A 94 -14.40 4.70 -22.99
CA PRO A 94 -15.76 5.27 -22.94
C PRO A 94 -15.90 6.40 -21.94
N HIS A 95 -17.09 6.97 -21.81
CA HIS A 95 -17.32 7.95 -20.76
C HIS A 95 -17.50 7.22 -19.42
N ALA A 96 -17.59 7.99 -18.33
CA ALA A 96 -17.53 7.42 -16.99
C ALA A 96 -18.53 8.04 -16.05
N MSE A 97 -18.75 9.35 -16.15
CA MSE A 97 -19.72 10.05 -15.30
C MSE A 97 -20.27 11.22 -16.10
O MSE A 97 -19.66 11.68 -17.05
CB MSE A 97 -19.06 10.58 -14.03
CG MSE A 97 -18.92 9.54 -12.90
SE MSE A 97 -18.21 10.22 -11.19
CE MSE A 97 -19.35 11.77 -10.95
N THR A 98 -21.44 11.72 -15.72
CA THR A 98 -22.00 12.88 -16.38
C THR A 98 -21.64 14.11 -15.59
N PRO A 99 -21.58 15.28 -16.25
CA PRO A 99 -21.45 16.52 -15.48
C PRO A 99 -22.58 16.73 -14.47
N HIS A 100 -23.75 16.13 -14.69
CA HIS A 100 -24.81 16.30 -13.70
C HIS A 100 -24.59 15.45 -12.44
N GLN A 101 -24.04 14.25 -12.62
CA GLN A 101 -23.70 13.44 -11.47
C GLN A 101 -22.64 14.12 -10.63
N VAL A 102 -21.65 14.72 -11.30
CA VAL A 102 -20.57 15.45 -10.64
C VAL A 102 -21.17 16.59 -9.86
N GLU A 103 -22.12 17.30 -10.46
CA GLU A 103 -22.72 18.44 -9.78
C GLU A 103 -23.51 17.99 -8.54
N THR A 104 -24.20 16.86 -8.64
CA THR A 104 -24.99 16.39 -7.52
C THR A 104 -24.07 15.98 -6.38
N ALA A 105 -22.96 15.34 -6.71
CA ALA A 105 -22.07 14.84 -5.68
C ALA A 105 -21.45 16.00 -4.89
N GLN A 106 -21.05 17.05 -5.61
CA GLN A 106 -20.43 18.23 -5.00
C GLN A 106 -21.33 18.84 -3.92
N VAL A 107 -22.65 18.78 -4.15
CA VAL A 107 -23.58 19.27 -3.15
C VAL A 107 -23.46 18.46 -1.85
N LEU A 108 -23.29 17.16 -2.00
CA LEU A 108 -23.14 16.24 -0.87
C LEU A 108 -21.77 16.46 -0.20
N ILE A 109 -20.72 16.56 -1.02
CA ILE A 109 -19.36 16.75 -0.50
C ILE A 109 -19.21 18.09 0.20
N ALA A 110 -19.84 19.13 -0.32
CA ALA A 110 -19.73 20.45 0.28
C ALA A 110 -20.31 20.48 1.68
N GLU A 111 -21.36 19.69 1.91
CA GLU A 111 -21.97 19.65 3.24
C GLU A 111 -20.99 19.01 4.21
N VAL A 112 -20.37 17.92 3.77
CA VAL A 112 -19.32 17.25 4.54
C VAL A 112 -18.14 18.20 4.82
N GLY A 113 -17.77 19.01 3.83
CA GLY A 113 -16.69 19.97 3.99
C GLY A 113 -17.04 21.15 4.89
N ARG A 114 -18.32 21.39 5.12
CA ARG A 114 -18.72 22.47 6.00
C ARG A 114 -18.65 21.99 7.44
N ILE A 115 -19.11 20.77 7.65
CA ILE A 115 -18.99 20.09 8.94
C ILE A 115 -17.53 19.90 9.35
N LEU A 116 -16.69 19.57 8.37
CA LEU A 116 -15.26 19.48 8.59
C LEU A 116 -14.70 20.84 8.94
N GLY A 117 -15.33 21.89 8.41
CA GLY A 117 -14.91 23.26 8.70
C GLY A 117 -15.18 23.62 10.14
N SER A 118 -16.41 23.33 10.60
CA SER A 118 -16.82 23.54 11.99
C SER A 118 -15.96 22.74 12.95
N TRP A 119 -15.63 21.52 12.55
CA TRP A 119 -14.83 20.63 13.39
C TRP A 119 -13.36 21.08 13.45
N ILE A 120 -12.77 21.50 12.32
CA ILE A 120 -11.41 22.07 12.38
C ILE A 120 -11.41 23.33 13.24
N ALA A 121 -12.51 24.08 13.21
CA ALA A 121 -12.61 25.30 14.01
C ALA A 121 -12.54 24.96 15.49
N ARG A 122 -13.58 24.24 15.95
CA ARG A 122 -13.66 23.73 17.31
C ARG A 122 -12.37 23.13 17.89
N VAL A 123 -11.53 22.58 17.03
CA VAL A 123 -10.30 21.92 17.46
C VAL A 123 -9.10 22.88 17.55
N ASN A 124 -8.88 23.67 16.50
CA ASN A 124 -7.83 24.70 16.49
C ASN A 124 -7.92 25.70 17.64
N ARG A 125 -9.01 25.59 18.39
CA ARG A 125 -9.21 26.21 19.69
C ARG A 125 -7.92 26.42 20.49
N LEU B 18 -4.79 -12.99 23.51
CA LEU B 18 -6.11 -12.79 24.12
C LEU B 18 -7.00 -11.96 23.24
N ILE B 19 -6.56 -10.73 23.00
CA ILE B 19 -7.30 -9.83 22.15
C ILE B 19 -7.39 -10.49 20.78
N VAL B 20 -6.31 -11.15 20.35
CA VAL B 20 -6.29 -11.86 19.08
C VAL B 20 -7.22 -13.09 19.09
N GLU B 21 -7.34 -13.72 20.25
CA GLU B 21 -8.22 -14.89 20.41
C GLU B 21 -9.69 -14.46 20.34
N ARG B 22 -10.01 -13.39 21.06
CA ARG B 22 -11.33 -12.79 20.97
C ARG B 22 -11.58 -12.29 19.55
N TYR B 23 -10.59 -11.64 18.95
CA TYR B 23 -10.79 -11.16 17.58
C TYR B 23 -10.96 -12.28 16.54
N GLU B 24 -10.37 -13.45 16.76
CA GLU B 24 -10.64 -14.55 15.82
C GLU B 24 -12.11 -15.00 15.79
N ARG B 25 -12.88 -14.65 16.82
CA ARG B 25 -14.30 -14.93 16.87
C ARG B 25 -15.02 -14.04 15.84
N VAL B 26 -14.53 -12.80 15.74
CA VAL B 26 -15.06 -11.84 14.81
C VAL B 26 -14.75 -12.30 13.40
N ILE B 27 -13.51 -12.76 13.18
CA ILE B 27 -13.12 -13.25 11.87
C ILE B 27 -13.97 -14.47 11.52
N SER B 28 -14.16 -15.35 12.49
CA SER B 28 -14.95 -16.55 12.30
C SER B 28 -16.37 -16.21 11.87
N TYR B 29 -16.95 -15.17 12.46
CA TYR B 29 -18.29 -14.72 12.11
C TYR B 29 -18.35 -14.06 10.74
N LEU B 30 -17.54 -13.01 10.56
CA LEU B 30 -17.59 -12.15 9.38
C LEU B 30 -16.97 -12.71 8.11
N TYR B 31 -15.96 -13.58 8.24
CA TYR B 31 -15.29 -14.12 7.05
C TYR B 31 -16.22 -14.78 6.04
N PRO B 32 -17.07 -15.76 6.49
CA PRO B 32 -18.01 -16.39 5.55
C PRO B 32 -18.96 -15.39 4.86
N ILE B 33 -19.27 -14.32 5.58
CA ILE B 33 -20.11 -13.27 5.03
C ILE B 33 -19.35 -12.49 3.96
N ALA B 34 -18.08 -12.18 4.20
CA ALA B 34 -17.26 -11.55 3.17
C ALA B 34 -17.14 -12.43 1.91
N GLN B 35 -16.83 -13.71 2.12
CA GLN B 35 -16.86 -14.73 1.07
C GLN B 35 -18.13 -14.65 0.19
N SER B 36 -19.29 -14.56 0.84
CA SER B 36 -20.56 -14.52 0.13
C SER B 36 -20.70 -13.33 -0.83
N ILE B 37 -20.11 -12.19 -0.50
CA ILE B 37 -20.30 -10.97 -1.28
C ILE B 37 -20.01 -11.18 -2.77
N PRO B 38 -20.96 -10.80 -3.64
CA PRO B 38 -20.86 -10.92 -5.10
C PRO B 38 -19.55 -10.35 -5.67
N ARG B 39 -19.13 -10.82 -6.85
CA ARG B 39 -17.96 -10.26 -7.57
C ARG B 39 -18.28 -8.88 -8.12
N LYS B 40 -19.56 -8.61 -8.31
CA LYS B 40 -20.03 -7.30 -8.68
C LYS B 40 -19.47 -6.25 -7.70
N HIS B 41 -19.23 -6.66 -6.46
CA HIS B 41 -18.69 -5.75 -5.46
C HIS B 41 -17.26 -6.13 -5.05
N GLY B 42 -16.56 -6.78 -5.99
CA GLY B 42 -15.16 -7.20 -5.81
C GLY B 42 -14.21 -6.26 -5.07
N VAL B 43 -14.27 -4.97 -5.37
CA VAL B 43 -13.35 -4.01 -4.77
C VAL B 43 -13.69 -3.66 -3.33
N ALA B 44 -14.96 -3.46 -3.05
CA ALA B 44 -15.43 -3.19 -1.71
C ALA B 44 -15.15 -4.42 -0.86
N ARG B 45 -15.45 -5.56 -1.43
CA ARG B 45 -15.28 -6.83 -0.77
C ARG B 45 -13.81 -7.08 -0.42
N GLU B 46 -12.90 -6.95 -1.38
CA GLU B 46 -11.47 -7.02 -1.06
C GLU B 46 -11.06 -6.04 0.05
N MSE B 47 -11.54 -4.81 0.00
CA MSE B 47 -11.17 -3.83 1.03
C MSE B 47 -11.69 -4.25 2.40
O MSE B 47 -11.04 -4.01 3.43
CB MSE B 47 -11.66 -2.44 0.70
CG MSE B 47 -10.97 -1.78 -0.44
SE MSE B 47 -11.84 -0.06 -0.79
CE MSE B 47 -11.09 0.91 0.73
N PHE B 48 -12.87 -4.85 2.40
CA PHE B 48 -13.49 -5.35 3.61
C PHE B 48 -12.56 -6.42 4.20
N LEU B 49 -12.29 -7.45 3.39
CA LEU B 49 -11.48 -8.59 3.80
C LEU B 49 -10.13 -8.12 4.34
N LYS B 50 -9.44 -7.25 3.59
CA LYS B 50 -8.19 -6.70 4.07
C LYS B 50 -8.34 -6.02 5.42
N CYS B 51 -9.48 -5.34 5.64
CA CYS B 51 -9.71 -4.65 6.91
C CYS B 51 -9.89 -5.66 8.01
N LEU B 52 -10.61 -6.73 7.69
CA LEU B 52 -11.00 -7.75 8.65
C LEU B 52 -9.83 -8.64 9.09
N LEU B 53 -9.03 -9.12 8.14
CA LEU B 53 -7.89 -9.97 8.47
C LEU B 53 -6.71 -9.12 8.91
N GLY B 54 -6.53 -7.98 8.26
CA GLY B 54 -5.45 -7.08 8.61
C GLY B 54 -5.48 -6.66 10.05
N GLN B 55 -6.67 -6.59 10.65
CA GLN B 55 -6.80 -6.12 12.02
C GLN B 55 -5.94 -6.94 12.99
N VAL B 56 -5.72 -8.22 12.69
CA VAL B 56 -4.87 -9.03 13.56
C VAL B 56 -3.47 -8.44 13.56
N GLU B 57 -3.00 -8.02 12.40
CA GLU B 57 -1.66 -7.49 12.33
C GLU B 57 -1.52 -6.22 13.15
N LEU B 58 -2.53 -5.36 13.12
CA LEU B 58 -2.53 -4.19 14.01
C LEU B 58 -2.43 -4.58 15.51
N PHE B 59 -3.04 -5.69 15.92
CA PHE B 59 -2.96 -6.09 17.32
C PHE B 59 -1.58 -6.64 17.65
N ILE B 60 -1.15 -7.59 16.83
CA ILE B 60 0.18 -8.20 16.94
C ILE B 60 1.28 -7.14 16.99
N VAL B 61 1.22 -6.17 16.08
CA VAL B 61 2.23 -5.13 16.02
C VAL B 61 2.24 -4.29 17.28
N ALA B 62 1.07 -3.87 17.74
CA ALA B 62 0.96 -3.13 18.98
C ALA B 62 1.49 -3.97 20.13
N GLY B 63 1.28 -5.27 20.07
CA GLY B 63 1.79 -6.18 21.09
C GLY B 63 3.31 -6.21 21.16
N LYS B 64 3.94 -6.43 19.99
CA LYS B 64 5.39 -6.46 19.84
C LYS B 64 5.99 -5.06 19.65
N SER B 65 5.62 -4.11 20.52
CA SER B 65 6.14 -2.75 20.43
C SER B 65 5.81 -2.04 21.73
N ASN B 66 6.28 -0.81 21.91
CA ASN B 66 5.96 -0.10 23.13
C ASN B 66 5.39 1.29 22.90
N GLN B 67 4.76 1.48 21.74
CA GLN B 67 4.10 2.73 21.42
C GLN B 67 2.57 2.66 21.49
N VAL B 68 1.97 3.58 22.25
CA VAL B 68 0.52 3.69 22.33
C VAL B 68 -0.10 4.02 20.98
N SER B 69 0.65 4.68 20.11
CA SER B 69 0.13 5.08 18.81
C SER B 69 -0.35 3.85 18.04
N LYS B 70 0.34 2.74 18.23
CA LYS B 70 -0.03 1.49 17.59
C LYS B 70 -1.38 0.93 18.07
N LEU B 71 -1.72 1.12 19.36
CA LEU B 71 -3.01 0.67 19.88
C LEU B 71 -4.10 1.61 19.36
N TYR B 72 -3.76 2.90 19.33
CA TYR B 72 -4.67 3.88 18.78
C TYR B 72 -5.01 3.55 17.33
N ALA B 73 -4.02 3.00 16.61
CA ALA B 73 -4.24 2.53 15.24
C ALA B 73 -5.15 1.31 15.22
N ALA B 74 -4.87 0.33 16.07
CA ALA B 74 -5.75 -0.82 16.20
C ALA B 74 -7.21 -0.36 16.42
N ASP B 75 -7.40 0.64 17.28
CA ASP B 75 -8.70 1.24 17.57
C ASP B 75 -9.41 1.75 16.29
N ALA B 76 -8.69 2.52 15.50
CA ALA B 76 -9.22 3.04 14.25
C ALA B 76 -9.63 1.86 13.37
N GLY B 77 -8.83 0.80 13.42
CA GLY B 77 -9.12 -0.42 12.71
C GLY B 77 -10.49 -0.97 13.05
N LEU B 78 -10.80 -1.06 14.34
CA LEU B 78 -12.11 -1.50 14.78
C LEU B 78 -13.26 -0.58 14.32
N ALA B 79 -13.06 0.74 14.40
CA ALA B 79 -14.08 1.68 13.97
C ALA B 79 -14.31 1.54 12.47
N MSE B 80 -13.27 1.18 11.74
CA MSE B 80 -13.39 1.05 10.30
C MSE B 80 -14.13 -0.23 9.97
O MSE B 80 -14.94 -0.26 9.06
CB MSE B 80 -12.00 1.08 9.62
CG MSE B 80 -12.02 1.08 8.11
SE MSE B 80 -12.97 2.64 7.33
CE MSE B 80 -13.01 2.03 5.49
N LEU B 81 -13.85 -1.30 10.70
CA LEU B 81 -14.57 -2.54 10.52
C LEU B 81 -16.07 -2.33 10.74
N ARG B 82 -16.42 -1.46 11.68
CA ARG B 82 -17.84 -1.20 11.94
C ARG B 82 -18.46 -0.46 10.77
N PHE B 83 -17.70 0.47 10.21
CA PHE B 83 -18.16 1.14 9.02
C PHE B 83 -18.54 0.11 7.97
N TRP B 84 -17.67 -0.89 7.79
CA TRP B 84 -17.92 -1.93 6.79
C TRP B 84 -19.26 -2.64 7.01
N LEU B 85 -19.63 -2.86 8.27
CA LEU B 85 -20.91 -3.50 8.57
C LEU B 85 -22.06 -2.60 8.10
N ARG B 86 -21.95 -1.29 8.36
CA ARG B 86 -22.95 -0.35 7.89
C ARG B 86 -23.03 -0.30 6.35
N PHE B 87 -21.90 -0.48 5.68
CA PHE B 87 -21.83 -0.51 4.22
C PHE B 87 -22.52 -1.74 3.64
N LEU B 88 -22.15 -2.92 4.17
CA LEU B 88 -22.73 -4.17 3.69
C LEU B 88 -24.21 -4.26 4.01
N ALA B 89 -24.60 -3.63 5.12
CA ALA B 89 -25.99 -3.69 5.55
C ALA B 89 -26.86 -2.72 4.76
N GLY B 90 -26.32 -1.53 4.51
CA GLY B 90 -27.16 -0.43 4.12
C GLY B 90 -26.74 0.45 2.97
N ILE B 91 -25.65 0.11 2.30
CA ILE B 91 -25.25 0.86 1.12
C ILE B 91 -25.16 -0.08 -0.08
N GLN B 92 -24.55 -1.24 0.15
CA GLN B 92 -24.40 -2.21 -0.91
C GLN B 92 -25.75 -2.78 -1.35
N LYS B 93 -26.00 -2.75 -2.67
CA LYS B 93 -27.23 -3.31 -3.25
C LYS B 93 -26.89 -4.47 -4.21
N PRO B 94 -27.35 -5.71 -3.91
CA PRO B 94 -28.14 -6.14 -2.74
C PRO B 94 -27.31 -6.10 -1.46
N HIS B 95 -27.99 -6.01 -0.33
CA HIS B 95 -27.33 -5.95 0.98
C HIS B 95 -26.73 -7.32 1.30
N ALA B 96 -25.64 -7.35 2.05
CA ALA B 96 -24.92 -8.59 2.29
C ALA B 96 -25.02 -9.06 3.76
N MSE B 97 -25.66 -8.24 4.57
CA MSE B 97 -25.89 -8.49 6.00
C MSE B 97 -27.27 -8.04 6.43
O MSE B 97 -27.83 -7.10 5.82
CB MSE B 97 -24.84 -7.75 6.84
CG MSE B 97 -23.42 -8.25 6.67
SE MSE B 97 -22.13 -7.52 7.94
CE MSE B 97 -22.65 -8.57 9.50
N THR B 98 -27.83 -8.69 7.45
CA THR B 98 -29.11 -8.25 8.06
C THR B 98 -28.87 -7.49 9.38
N PRO B 99 -29.87 -6.71 9.83
CA PRO B 99 -29.77 -5.92 11.07
C PRO B 99 -29.22 -6.69 12.24
N HIS B 100 -29.65 -7.94 12.34
CA HIS B 100 -29.25 -8.90 13.36
C HIS B 100 -27.84 -9.50 13.14
N GLN B 101 -27.43 -9.68 11.88
CA GLN B 101 -26.06 -10.09 11.61
C GLN B 101 -25.12 -8.95 11.97
N VAL B 102 -25.51 -7.72 11.65
CA VAL B 102 -24.73 -6.54 12.04
C VAL B 102 -24.62 -6.55 13.56
N GLU B 103 -25.76 -6.45 14.24
CA GLU B 103 -25.83 -6.59 15.70
C GLU B 103 -24.92 -7.70 16.32
N THR B 104 -24.98 -8.92 15.76
CA THR B 104 -24.16 -10.01 16.26
C THR B 104 -22.69 -9.65 16.12
N ALA B 105 -22.32 -9.11 14.95
CA ALA B 105 -20.95 -8.71 14.73
C ALA B 105 -20.58 -7.55 15.63
N GLN B 106 -21.48 -6.59 15.83
CA GLN B 106 -21.16 -5.44 16.68
C GLN B 106 -20.81 -5.87 18.09
N VAL B 107 -21.45 -6.94 18.53
CA VAL B 107 -21.27 -7.47 19.85
C VAL B 107 -19.88 -8.11 20.00
N LEU B 108 -19.53 -9.01 19.08
CA LEU B 108 -18.18 -9.57 18.97
C LEU B 108 -17.11 -8.49 18.94
N ILE B 109 -17.33 -7.44 18.14
CA ILE B 109 -16.33 -6.39 18.04
C ILE B 109 -16.22 -5.54 19.32
N ALA B 110 -17.34 -5.19 19.94
CA ALA B 110 -17.30 -4.36 21.14
C ALA B 110 -16.56 -5.04 22.31
N GLU B 111 -16.58 -6.36 22.32
CA GLU B 111 -15.83 -7.09 23.34
C GLU B 111 -14.34 -6.84 23.14
N VAL B 112 -13.91 -6.97 21.90
CA VAL B 112 -12.53 -6.78 21.56
C VAL B 112 -12.19 -5.32 21.87
N GLY B 113 -13.10 -4.41 21.55
CA GLY B 113 -12.86 -3.00 21.81
C GLY B 113 -12.82 -2.64 23.27
N ARG B 114 -13.41 -3.45 24.13
CA ARG B 114 -13.39 -3.15 25.56
C ARG B 114 -12.08 -3.56 26.18
N ILE B 115 -11.56 -4.70 25.71
CA ILE B 115 -10.23 -5.18 26.04
C ILE B 115 -9.16 -4.19 25.62
N LEU B 116 -9.26 -3.73 24.38
CA LEU B 116 -8.38 -2.71 23.83
C LEU B 116 -8.40 -1.44 24.65
N GLY B 117 -9.59 -1.01 25.05
CA GLY B 117 -9.73 0.20 25.83
C GLY B 117 -9.00 0.09 27.16
N SER B 118 -9.00 -1.08 27.76
CA SER B 118 -8.30 -1.30 29.01
C SER B 118 -6.80 -1.31 28.79
N TRP B 119 -6.39 -2.06 27.78
CA TRP B 119 -4.99 -2.15 27.38
C TRP B 119 -4.43 -0.74 27.22
N ILE B 120 -5.12 0.11 26.46
CA ILE B 120 -4.72 1.50 26.29
C ILE B 120 -4.69 2.26 27.62
N ALA B 121 -5.64 1.97 28.50
CA ALA B 121 -5.67 2.66 29.79
C ALA B 121 -4.52 2.19 30.70
N ARG B 122 -4.24 0.89 30.67
CA ARG B 122 -3.14 0.32 31.44
C ARG B 122 -1.83 0.95 31.01
N VAL B 123 -1.65 1.09 29.69
CA VAL B 123 -0.41 1.65 29.16
C VAL B 123 -0.29 3.15 29.46
N ASN B 124 -1.34 3.92 29.21
CA ASN B 124 -1.32 5.34 29.54
C ASN B 124 -1.19 5.62 31.05
N ARG B 125 -1.48 4.62 31.88
CA ARG B 125 -1.30 4.75 33.33
C ARG B 125 0.18 4.64 33.67
N LYS B 126 0.90 3.78 32.93
CA LYS B 126 2.35 3.63 33.09
C LYS B 126 3.07 4.75 32.35
N GLY B 127 2.50 5.96 32.38
CA GLY B 127 3.06 7.11 31.67
C GLY B 127 4.52 7.40 31.95
N MSE C 17 -2.36 26.36 -7.17
CA MSE C 17 -3.32 25.41 -7.73
C MSE C 17 -3.61 25.60 -9.22
O MSE C 17 -4.56 25.02 -9.76
CB MSE C 17 -4.63 25.36 -6.92
CG MSE C 17 -4.66 24.21 -5.90
SE MSE C 17 -3.00 23.95 -4.87
CE MSE C 17 -3.22 22.05 -4.50
N LEU C 18 -2.79 26.42 -9.87
CA LEU C 18 -2.69 26.34 -11.32
C LEU C 18 -1.78 25.15 -11.63
N ILE C 19 -1.13 24.64 -10.59
CA ILE C 19 -0.24 23.50 -10.73
C ILE C 19 -1.00 22.21 -11.04
N VAL C 20 -2.12 22.01 -10.33
CA VAL C 20 -3.02 20.90 -10.57
C VAL C 20 -3.65 21.04 -11.97
N GLU C 21 -4.06 22.25 -12.34
CA GLU C 21 -4.61 22.50 -13.68
C GLU C 21 -3.56 22.25 -14.77
N ARG C 22 -2.32 22.64 -14.47
CA ARG C 22 -1.21 22.35 -15.36
C ARG C 22 -0.89 20.86 -15.41
N TYR C 23 -1.12 20.18 -14.29
CA TYR C 23 -0.88 18.73 -14.30
C TYR C 23 -1.98 17.96 -15.03
N GLU C 24 -3.22 18.43 -14.89
CA GLU C 24 -4.35 17.83 -15.59
C GLU C 24 -4.12 17.73 -17.13
N ARG C 25 -3.35 18.66 -17.70
CA ARG C 25 -3.00 18.55 -19.11
C ARG C 25 -2.12 17.34 -19.36
N VAL C 26 -1.23 17.07 -18.41
CA VAL C 26 -0.31 15.93 -18.50
C VAL C 26 -1.15 14.68 -18.48
N ILE C 27 -2.13 14.67 -17.58
CA ILE C 27 -3.04 13.54 -17.46
C ILE C 27 -3.83 13.34 -18.74
N SER C 28 -4.36 14.45 -19.28
CA SER C 28 -5.11 14.44 -20.55
C SER C 28 -4.32 13.82 -21.65
N TYR C 29 -3.06 14.25 -21.80
CA TYR C 29 -2.23 13.71 -22.86
C TYR C 29 -1.91 12.24 -22.61
N LEU C 30 -1.58 11.91 -21.36
CA LEU C 30 -0.99 10.61 -21.07
C LEU C 30 -1.97 9.47 -20.80
N TYR C 31 -3.12 9.77 -20.18
CA TYR C 31 -4.06 8.71 -19.86
C TYR C 31 -4.48 7.84 -21.05
N PRO C 32 -4.89 8.45 -22.17
CA PRO C 32 -5.28 7.59 -23.29
C PRO C 32 -4.14 6.70 -23.73
N ILE C 33 -2.92 7.24 -23.65
CA ILE C 33 -1.72 6.53 -24.07
C ILE C 33 -1.42 5.36 -23.13
N ALA C 34 -1.48 5.63 -21.82
CA ALA C 34 -1.40 4.56 -20.82
C ALA C 34 -2.41 3.46 -21.09
N GLN C 35 -3.63 3.86 -21.40
CA GLN C 35 -4.71 2.93 -21.66
C GLN C 35 -4.48 1.98 -22.83
N SER C 36 -3.85 2.49 -23.90
CA SER C 36 -3.58 1.67 -25.08
C SER C 36 -2.25 0.93 -24.99
N ILE C 37 -1.77 0.70 -23.78
CA ILE C 37 -0.64 -0.20 -23.55
C ILE C 37 -1.21 -1.59 -23.41
N PRO C 38 -0.67 -2.57 -24.17
CA PRO C 38 -1.25 -3.91 -24.17
C PRO C 38 -1.18 -4.63 -22.82
N ARG C 39 -2.10 -5.55 -22.57
CA ARG C 39 -2.16 -6.26 -21.29
C ARG C 39 -0.91 -7.12 -21.07
N LYS C 40 -0.15 -7.32 -22.15
CA LYS C 40 1.17 -7.97 -22.09
C LYS C 40 2.02 -7.32 -21.02
N HIS C 41 1.91 -6.00 -20.89
CA HIS C 41 2.62 -5.24 -19.86
C HIS C 41 1.66 -4.75 -18.76
N GLY C 42 0.71 -5.61 -18.40
CA GLY C 42 -0.33 -5.28 -17.46
C GLY C 42 0.11 -4.70 -16.12
N VAL C 43 1.13 -5.29 -15.52
CA VAL C 43 1.60 -4.81 -14.23
C VAL C 43 2.27 -3.44 -14.34
N ALA C 44 2.96 -3.21 -15.44
CA ALA C 44 3.68 -1.95 -15.62
C ALA C 44 2.69 -0.84 -15.96
N ARG C 45 1.73 -1.18 -16.80
CA ARG C 45 0.62 -0.30 -17.14
C ARG C 45 -0.02 0.31 -15.90
N GLU C 46 -0.32 -0.55 -14.92
CA GLU C 46 -0.98 -0.11 -13.70
C GLU C 46 -0.09 0.74 -12.80
N MSE C 47 1.18 0.37 -12.66
CA MSE C 47 2.06 1.19 -11.84
C MSE C 47 2.17 2.57 -12.46
O MSE C 47 2.23 3.58 -11.75
CB MSE C 47 3.43 0.53 -11.70
CG MSE C 47 3.39 -0.86 -11.10
SE MSE C 47 5.17 -1.60 -11.03
CE MSE C 47 6.02 -0.37 -9.76
N PHE C 48 2.18 2.62 -13.79
CA PHE C 48 2.24 3.86 -14.53
C PHE C 48 0.97 4.71 -14.29
N LEU C 49 -0.18 4.06 -14.40
CA LEU C 49 -1.43 4.73 -14.07
C LEU C 49 -1.48 5.19 -12.61
N LYS C 50 -0.92 4.39 -11.70
CA LYS C 50 -0.97 4.79 -10.31
C LYS C 50 -0.08 5.97 -10.04
N CYS C 51 1.09 5.98 -10.68
CA CYS C 51 1.97 7.11 -10.51
C CYS C 51 1.32 8.36 -11.14
N LEU C 52 0.79 8.20 -12.36
CA LEU C 52 0.19 9.30 -13.12
C LEU C 52 -0.97 9.98 -12.41
N LEU C 53 -2.02 9.23 -12.11
CA LEU C 53 -3.17 9.82 -11.47
C LEU C 53 -2.81 10.15 -10.03
N GLY C 54 -1.99 9.30 -9.40
CA GLY C 54 -1.66 9.41 -7.99
C GLY C 54 -0.97 10.71 -7.63
N GLN C 55 -0.30 11.29 -8.62
CA GLN C 55 0.47 12.51 -8.48
C GLN C 55 -0.38 13.67 -7.98
N VAL C 56 -1.66 13.67 -8.37
CA VAL C 56 -2.55 14.76 -8.00
C VAL C 56 -2.62 14.84 -6.48
N GLU C 57 -2.69 13.69 -5.83
CA GLU C 57 -2.74 13.69 -4.37
C GLU C 57 -1.47 14.30 -3.78
N LEU C 58 -0.32 13.98 -4.37
CA LEU C 58 0.94 14.58 -3.93
C LEU C 58 0.87 16.11 -3.91
N PHE C 59 0.40 16.71 -5.00
CA PHE C 59 0.21 18.16 -5.05
C PHE C 59 -0.84 18.61 -4.04
N ILE C 60 -2.01 17.97 -4.07
CA ILE C 60 -3.09 18.29 -3.15
C ILE C 60 -2.65 18.25 -1.69
N VAL C 61 -1.86 17.23 -1.34
CA VAL C 61 -1.38 17.06 0.03
C VAL C 61 -0.33 18.12 0.38
N ALA C 62 0.53 18.43 -0.59
CA ALA C 62 1.49 19.51 -0.43
C ALA C 62 0.74 20.76 0.02
N GLY C 63 -0.20 21.24 -0.78
CA GLY C 63 -0.95 22.45 -0.46
C GLY C 63 -1.53 22.56 0.94
N LYS C 64 -2.21 21.50 1.41
CA LYS C 64 -2.84 21.50 2.73
C LYS C 64 -1.83 21.60 3.87
N SER C 65 -0.56 21.31 3.56
CA SER C 65 0.49 21.12 4.57
C SER C 65 1.74 21.99 4.32
N ASN C 66 2.19 22.67 5.36
CA ASN C 66 3.34 23.58 5.26
C ASN C 66 4.71 22.90 5.03
N GLN C 67 4.84 21.63 5.42
CA GLN C 67 6.11 20.92 5.36
C GLN C 67 6.70 20.83 3.94
N VAL C 68 7.95 21.26 3.79
CA VAL C 68 8.65 21.15 2.51
C VAL C 68 8.83 19.70 2.08
N SER C 69 8.86 18.78 3.05
CA SER C 69 9.07 17.38 2.76
C SER C 69 7.99 16.87 1.79
N LYS C 70 6.78 17.39 1.94
CA LYS C 70 5.65 17.04 1.06
C LYS C 70 5.86 17.58 -0.37
N LEU C 71 6.48 18.76 -0.48
CA LEU C 71 6.83 19.30 -1.78
C LEU C 71 7.92 18.49 -2.47
N TYR C 72 8.78 17.86 -1.68
CA TYR C 72 9.85 17.09 -2.28
C TYR C 72 9.31 15.77 -2.78
N ALA C 73 8.38 15.20 -2.00
CA ALA C 73 7.69 13.99 -2.42
C ALA C 73 7.01 14.22 -3.78
N ALA C 74 6.37 15.37 -3.93
CA ALA C 74 5.72 15.70 -5.19
C ALA C 74 6.73 15.78 -6.33
N ASP C 75 7.86 16.43 -6.05
CA ASP C 75 8.94 16.54 -7.04
C ASP C 75 9.47 15.17 -7.40
N ALA C 76 9.60 14.34 -6.36
CA ALA C 76 10.02 12.95 -6.52
C ALA C 76 9.04 12.22 -7.41
N GLY C 77 7.76 12.49 -7.18
CA GLY C 77 6.70 11.97 -8.03
C GLY C 77 6.84 12.35 -9.49
N LEU C 78 7.02 13.64 -9.78
CA LEU C 78 7.26 14.10 -11.16
C LEU C 78 8.48 13.44 -11.76
N ALA C 79 9.50 13.26 -10.93
CA ALA C 79 10.69 12.57 -11.37
C ALA C 79 10.41 11.12 -11.77
N MSE C 80 9.66 10.43 -10.92
CA MSE C 80 9.24 9.07 -11.21
C MSE C 80 8.45 9.02 -12.53
O MSE C 80 8.67 8.15 -13.38
CB MSE C 80 8.41 8.53 -10.04
CG MSE C 80 8.14 7.05 -10.10
SE MSE C 80 9.80 6.03 -10.28
CE MSE C 80 9.08 4.28 -10.74
N LEU C 81 7.54 10.00 -12.72
CA LEU C 81 6.72 10.06 -13.93
C LEU C 81 7.55 10.19 -15.19
N ARG C 82 8.60 11.01 -15.13
CA ARG C 82 9.54 11.09 -16.25
C ARG C 82 10.27 9.77 -16.50
N PHE C 83 10.57 9.03 -15.41
CA PHE C 83 11.16 7.70 -15.59
C PHE C 83 10.27 6.77 -16.41
N TRP C 84 8.96 6.80 -16.14
CA TRP C 84 7.98 5.92 -16.79
C TRP C 84 7.99 6.09 -18.28
N LEU C 85 8.17 7.34 -18.70
CA LEU C 85 8.19 7.64 -20.12
C LEU C 85 9.39 6.97 -20.76
N ARG C 86 10.56 7.04 -20.11
CA ARG C 86 11.74 6.40 -20.70
C ARG C 86 11.56 4.88 -20.73
N PHE C 87 10.91 4.34 -19.70
CA PHE C 87 10.70 2.91 -19.65
C PHE C 87 9.77 2.49 -20.79
N LEU C 88 8.63 3.16 -20.92
CA LEU C 88 7.65 2.78 -21.91
C LEU C 88 8.14 3.05 -23.35
N ALA C 89 8.95 4.11 -23.52
CA ALA C 89 9.60 4.42 -24.79
C ALA C 89 10.44 3.25 -25.35
N GLY C 90 11.09 2.52 -24.45
CA GLY C 90 11.91 1.39 -24.86
C GLY C 90 12.37 0.53 -23.69
N LYS C 93 8.91 -1.46 -22.12
CA LYS C 93 8.32 -2.09 -23.30
C LYS C 93 9.03 -1.58 -24.56
N PRO C 94 9.51 -2.53 -25.41
CA PRO C 94 10.27 -2.23 -26.62
C PRO C 94 9.54 -1.24 -27.53
N HIS C 95 8.31 -1.57 -27.90
CA HIS C 95 7.51 -0.76 -28.82
C HIS C 95 6.13 -0.37 -28.22
N ALA C 96 6.09 0.71 -27.44
CA ALA C 96 4.85 1.11 -26.73
C ALA C 96 4.66 2.61 -26.41
N MSE C 97 5.66 3.44 -26.72
CA MSE C 97 5.49 4.90 -26.69
C MSE C 97 6.43 5.55 -27.73
O MSE C 97 7.65 5.42 -27.63
CB MSE C 97 5.76 5.50 -25.31
CG MSE C 97 4.53 5.98 -24.55
SE MSE C 97 4.92 7.29 -23.11
CE MSE C 97 4.90 8.92 -24.14
N THR C 98 5.86 6.22 -28.72
CA THR C 98 6.67 6.90 -29.73
C THR C 98 7.42 8.10 -29.15
N PRO C 99 8.69 8.27 -29.56
CA PRO C 99 9.53 9.40 -29.12
C PRO C 99 8.80 10.73 -29.20
N HIS C 100 7.95 10.90 -30.21
CA HIS C 100 7.13 12.10 -30.37
C HIS C 100 6.23 12.27 -29.15
N GLN C 101 5.50 11.20 -28.84
CA GLN C 101 4.63 11.19 -27.67
C GLN C 101 5.40 11.56 -26.43
N VAL C 102 6.60 11.00 -26.30
CA VAL C 102 7.45 11.26 -25.15
C VAL C 102 7.84 12.72 -25.12
N GLU C 103 8.37 13.20 -26.25
CA GLU C 103 8.67 14.60 -26.48
C GLU C 103 7.52 15.51 -26.03
N THR C 104 6.29 15.12 -26.37
CA THR C 104 5.16 15.98 -26.07
C THR C 104 4.80 15.99 -24.58
N ALA C 105 4.88 14.81 -23.95
CA ALA C 105 4.70 14.71 -22.49
C ALA C 105 5.75 15.48 -21.71
N GLN C 106 7.01 15.33 -22.12
CA GLN C 106 8.13 16.08 -21.52
C GLN C 106 7.83 17.56 -21.36
N VAL C 107 7.36 18.18 -22.44
CA VAL C 107 7.03 19.61 -22.42
C VAL C 107 5.91 19.94 -21.44
N LEU C 108 4.87 19.11 -21.40
CA LEU C 108 3.78 19.39 -20.47
C LEU C 108 4.17 19.18 -19.00
N ILE C 109 4.98 18.15 -18.73
CA ILE C 109 5.49 17.96 -17.37
C ILE C 109 6.41 19.11 -16.98
N ALA C 110 7.31 19.48 -17.89
CA ALA C 110 8.22 20.60 -17.70
C ALA C 110 7.46 21.85 -17.26
N GLU C 111 6.28 22.05 -17.83
CA GLU C 111 5.44 23.17 -17.42
C GLU C 111 4.98 23.02 -15.96
N VAL C 112 4.86 21.78 -15.49
CA VAL C 112 4.56 21.55 -14.08
C VAL C 112 5.84 21.70 -13.26
N GLY C 113 6.93 21.15 -13.81
CA GLY C 113 8.26 21.31 -13.24
C GLY C 113 8.58 22.75 -12.86
N ARG C 114 8.36 23.69 -13.78
CA ARG C 114 8.59 25.11 -13.51
C ARG C 114 7.77 25.63 -12.32
N ILE C 115 6.49 25.31 -12.30
CA ILE C 115 5.59 25.81 -11.26
C ILE C 115 5.88 25.24 -9.89
N LEU C 116 6.45 24.03 -9.85
CA LEU C 116 6.82 23.41 -8.59
C LEU C 116 8.17 23.95 -8.15
N GLY C 117 9.13 23.95 -9.07
CA GLY C 117 10.47 24.46 -8.80
C GLY C 117 10.41 25.84 -8.17
N SER C 118 9.57 26.70 -8.73
CA SER C 118 9.34 28.01 -8.14
C SER C 118 8.74 27.86 -6.75
N TRP C 119 7.72 27.03 -6.64
CA TRP C 119 7.02 26.81 -5.37
C TRP C 119 7.99 26.28 -4.30
N ILE C 120 8.75 25.24 -4.63
CA ILE C 120 9.76 24.70 -3.72
C ILE C 120 10.77 25.76 -3.29
N ALA C 121 11.34 26.46 -4.26
CA ALA C 121 12.41 27.43 -4.02
C ALA C 121 11.98 28.67 -3.23
N ARG C 122 10.68 28.94 -3.18
CA ARG C 122 10.17 30.08 -2.43
C ARG C 122 9.96 29.77 -0.95
N VAL C 123 9.75 28.49 -0.64
CA VAL C 123 9.62 28.10 0.76
C VAL C 123 11.00 27.79 1.37
N ASN C 124 12.03 27.91 0.53
CA ASN C 124 13.41 27.85 0.97
C ASN C 124 13.98 29.26 1.17
N ARG C 125 13.33 30.24 0.54
CA ARG C 125 13.50 31.64 0.90
C ARG C 125 12.71 31.88 2.19
N LYS C 126 11.46 31.43 2.22
CA LYS C 126 10.64 31.50 3.42
C LYS C 126 11.00 30.39 4.39
N GLY C 127 12.08 30.58 5.14
CA GLY C 127 12.51 29.61 6.12
C GLY C 127 14.02 29.58 6.28
N MSE D 17 22.25 -13.63 10.18
CA MSE D 17 21.77 -13.73 8.80
C MSE D 17 21.73 -15.17 8.24
O MSE D 17 21.58 -15.37 7.03
CB MSE D 17 22.55 -12.80 7.86
CG MSE D 17 21.84 -11.46 7.60
SE MSE D 17 21.06 -10.63 9.21
CE MSE D 17 19.65 -9.63 8.29
N LEU D 18 21.88 -16.14 9.12
CA LEU D 18 21.42 -17.49 8.80
C LEU D 18 19.89 -17.49 9.00
N ILE D 19 19.40 -16.41 9.62
CA ILE D 19 17.97 -16.28 9.88
C ILE D 19 17.19 -16.08 8.59
N VAL D 20 17.78 -15.39 7.64
CA VAL D 20 17.14 -15.29 6.34
C VAL D 20 17.11 -16.68 5.70
N GLU D 21 18.18 -17.44 5.88
CA GLU D 21 18.28 -18.77 5.27
C GLU D 21 17.38 -19.81 5.91
N ARG D 22 17.17 -19.71 7.23
CA ARG D 22 16.15 -20.51 7.92
C ARG D 22 14.78 -20.06 7.41
N TYR D 23 14.65 -18.76 7.15
CA TYR D 23 13.38 -18.26 6.67
C TYR D 23 13.06 -18.63 5.24
N GLU D 24 14.10 -18.72 4.41
CA GLU D 24 13.91 -19.20 3.05
C GLU D 24 13.38 -20.64 3.06
N ARG D 25 13.77 -21.41 4.09
CA ARG D 25 13.19 -22.74 4.34
C ARG D 25 11.69 -22.71 4.63
N VAL D 26 11.24 -21.77 5.46
CA VAL D 26 9.81 -21.55 5.69
C VAL D 26 9.12 -21.23 4.36
N ILE D 27 9.78 -20.41 3.54
CA ILE D 27 9.23 -20.05 2.25
C ILE D 27 9.10 -21.26 1.35
N SER D 28 10.14 -22.09 1.31
CA SER D 28 10.17 -23.23 0.39
C SER D 28 9.05 -24.21 0.69
N TYR D 29 8.78 -24.41 1.97
CA TYR D 29 7.66 -25.27 2.37
C TYR D 29 6.31 -24.62 2.11
N LEU D 30 6.12 -23.39 2.60
CA LEU D 30 4.83 -22.73 2.56
C LEU D 30 4.34 -22.23 1.20
N TYR D 31 5.25 -21.71 0.39
CA TYR D 31 4.86 -21.19 -0.91
C TYR D 31 4.03 -22.12 -1.79
N PRO D 32 4.53 -23.33 -2.10
CA PRO D 32 3.69 -24.10 -3.03
C PRO D 32 2.35 -24.52 -2.40
N ILE D 33 2.27 -24.56 -1.07
CA ILE D 33 1.01 -24.81 -0.38
C ILE D 33 0.06 -23.62 -0.53
N ALA D 34 0.60 -22.42 -0.35
CA ALA D 34 -0.19 -21.19 -0.53
C ALA D 34 -0.68 -21.06 -1.97
N GLN D 35 0.19 -21.45 -2.89
CA GLN D 35 -0.06 -21.35 -4.31
C GLN D 35 -1.22 -22.26 -4.69
N SER D 36 -1.41 -23.31 -3.90
CA SER D 36 -2.44 -24.30 -4.19
C SER D 36 -3.76 -23.98 -3.52
N ILE D 37 -3.82 -22.89 -2.75
CA ILE D 37 -5.06 -22.48 -2.10
C ILE D 37 -6.05 -22.09 -3.19
N PRO D 38 -7.30 -22.57 -3.10
CA PRO D 38 -8.28 -22.37 -4.17
C PRO D 38 -8.77 -20.91 -4.27
N ARG D 39 -8.98 -20.43 -5.50
CA ARG D 39 -9.37 -19.03 -5.76
C ARG D 39 -10.64 -18.63 -5.02
N LYS D 40 -11.38 -19.63 -4.55
CA LYS D 40 -12.51 -19.40 -3.66
C LYS D 40 -12.07 -18.56 -2.46
N HIS D 41 -10.84 -18.75 -1.99
CA HIS D 41 -10.27 -17.88 -0.97
C HIS D 41 -9.14 -17.02 -1.56
N GLY D 42 -9.39 -16.46 -2.73
CA GLY D 42 -8.37 -15.74 -3.48
C GLY D 42 -7.68 -14.58 -2.77
N VAL D 43 -8.44 -13.85 -1.95
CA VAL D 43 -7.94 -12.67 -1.27
C VAL D 43 -7.13 -13.06 -0.06
N ALA D 44 -7.62 -14.03 0.71
CA ALA D 44 -6.85 -14.56 1.82
C ALA D 44 -5.52 -15.11 1.32
N ARG D 45 -5.58 -15.88 0.24
CA ARG D 45 -4.40 -16.49 -0.36
C ARG D 45 -3.37 -15.46 -0.80
N GLU D 46 -3.81 -14.37 -1.41
CA GLU D 46 -2.88 -13.31 -1.79
C GLU D 46 -2.33 -12.52 -0.60
N MSE D 47 -3.16 -12.25 0.41
CA MSE D 47 -2.64 -11.51 1.55
C MSE D 47 -1.57 -12.33 2.24
O MSE D 47 -0.58 -11.79 2.73
CB MSE D 47 -3.75 -11.18 2.54
CG MSE D 47 -4.80 -10.25 2.02
SE MSE D 47 -6.06 -9.95 3.47
CE MSE D 47 -4.86 -9.08 4.75
N PHE D 48 -1.78 -13.64 2.23
CA PHE D 48 -0.90 -14.60 2.86
C PHE D 48 0.45 -14.67 2.13
N LEU D 49 0.38 -14.92 0.83
CA LEU D 49 1.55 -14.84 -0.02
C LEU D 49 2.32 -13.55 0.24
N LYS D 50 1.64 -12.41 0.21
CA LYS D 50 2.30 -11.13 0.47
C LYS D 50 2.97 -11.08 1.84
N CYS D 51 2.35 -11.69 2.83
CA CYS D 51 2.91 -11.71 4.18
C CYS D 51 4.10 -12.66 4.24
N LEU D 52 3.90 -13.85 3.66
CA LEU D 52 4.93 -14.87 3.57
C LEU D 52 6.26 -14.36 2.97
N LEU D 53 6.19 -13.69 1.81
CA LEU D 53 7.38 -13.23 1.08
C LEU D 53 7.90 -11.86 1.52
N GLY D 54 7.00 -10.96 1.88
CA GLY D 54 7.39 -9.63 2.30
C GLY D 54 8.09 -9.67 3.64
N GLN D 55 8.05 -10.84 4.28
CA GLN D 55 8.71 -11.04 5.58
C GLN D 55 10.19 -10.86 5.46
N VAL D 56 10.76 -11.47 4.43
CA VAL D 56 12.19 -11.35 4.14
C VAL D 56 12.64 -9.92 4.30
N GLU D 57 11.88 -8.99 3.71
CA GLU D 57 12.20 -7.57 3.81
C GLU D 57 12.27 -7.07 5.24
N LEU D 58 11.41 -7.57 6.12
CA LEU D 58 11.49 -7.21 7.54
C LEU D 58 12.81 -7.65 8.13
N PHE D 59 13.37 -8.74 7.60
CA PHE D 59 14.59 -9.33 8.14
C PHE D 59 15.82 -8.62 7.58
N ILE D 60 15.80 -8.34 6.29
CA ILE D 60 16.76 -7.46 5.65
C ILE D 60 16.89 -6.13 6.41
N VAL D 61 15.78 -5.38 6.51
CA VAL D 61 15.79 -4.06 7.14
C VAL D 61 16.23 -4.10 8.61
N ALA D 62 16.02 -5.24 9.25
CA ALA D 62 16.36 -5.36 10.66
C ALA D 62 17.85 -5.55 10.84
N GLY D 63 18.45 -6.36 9.96
CA GLY D 63 19.88 -6.65 10.01
C GLY D 63 20.75 -5.49 9.55
N LYS D 64 20.23 -4.69 8.62
CA LYS D 64 20.92 -3.50 8.17
C LYS D 64 20.44 -2.29 8.96
N SER D 65 20.14 -2.52 10.23
CA SER D 65 19.82 -1.43 11.17
C SER D 65 20.45 -1.74 12.52
N ASN D 66 20.22 -0.86 13.48
CA ASN D 66 20.77 -1.02 14.83
C ASN D 66 19.68 -0.96 15.91
N GLN D 67 18.47 -0.62 15.47
CA GLN D 67 17.29 -0.46 16.32
C GLN D 67 16.56 -1.77 16.62
N VAL D 68 16.34 -2.05 17.89
CA VAL D 68 15.57 -3.22 18.32
C VAL D 68 14.13 -3.18 17.80
N SER D 69 13.62 -1.97 17.57
CA SER D 69 12.24 -1.82 17.11
C SER D 69 12.02 -2.58 15.80
N LYS D 70 13.05 -2.64 14.95
CA LYS D 70 12.96 -3.34 13.65
C LYS D 70 13.15 -4.83 13.78
N LEU D 71 13.61 -5.28 14.94
CA LEU D 71 13.65 -6.69 15.29
C LEU D 71 12.25 -7.09 15.76
N TYR D 72 11.64 -6.22 16.54
CA TYR D 72 10.28 -6.43 16.97
C TYR D 72 9.31 -6.44 15.78
N ALA D 73 9.45 -5.49 14.86
CA ALA D 73 8.69 -5.50 13.63
C ALA D 73 8.86 -6.83 12.88
N ALA D 74 10.04 -7.42 12.95
CA ALA D 74 10.25 -8.69 12.29
C ALA D 74 9.49 -9.77 13.03
N ASP D 75 9.48 -9.66 14.36
CA ASP D 75 8.81 -10.64 15.20
C ASP D 75 7.31 -10.62 14.92
N ALA D 76 6.74 -9.42 14.83
CA ALA D 76 5.35 -9.22 14.50
C ALA D 76 4.99 -9.94 13.20
N GLY D 77 5.91 -9.86 12.23
CA GLY D 77 5.72 -10.50 10.95
C GLY D 77 5.62 -12.00 11.08
N LEU D 78 6.45 -12.57 11.95
CA LEU D 78 6.38 -13.99 12.24
C LEU D 78 5.08 -14.38 12.97
N ALA D 79 4.71 -13.61 13.98
CA ALA D 79 3.45 -13.88 14.69
C ALA D 79 2.26 -13.80 13.74
N MSE D 80 2.34 -12.89 12.77
CA MSE D 80 1.31 -12.76 11.74
C MSE D 80 1.26 -13.99 10.84
O MSE D 80 0.19 -14.42 10.41
CB MSE D 80 1.54 -11.53 10.89
CG MSE D 80 0.41 -11.25 9.95
SE MSE D 80 -1.24 -10.95 10.96
CE MSE D 80 -2.49 -11.24 9.52
N LEU D 81 2.42 -14.56 10.56
CA LEU D 81 2.48 -15.71 9.67
C LEU D 81 1.88 -16.92 10.37
N ARG D 82 2.06 -17.01 11.69
CA ARG D 82 1.42 -18.09 12.45
C ARG D 82 -0.11 -17.95 12.51
N PHE D 83 -0.59 -16.72 12.71
CA PHE D 83 -2.02 -16.46 12.56
C PHE D 83 -2.54 -16.97 11.21
N TRP D 84 -1.79 -16.71 10.15
CA TRP D 84 -2.23 -17.20 8.84
C TRP D 84 -2.35 -18.72 8.78
N LEU D 85 -1.53 -19.42 9.58
CA LEU D 85 -1.62 -20.88 9.67
C LEU D 85 -2.87 -21.35 10.40
N ARG D 86 -3.15 -20.73 11.55
CA ARG D 86 -4.39 -21.06 12.25
C ARG D 86 -5.59 -20.76 11.37
N PHE D 87 -5.58 -19.58 10.77
CA PHE D 87 -6.69 -19.15 9.93
C PHE D 87 -6.92 -20.11 8.76
N LEU D 88 -5.86 -20.39 8.01
CA LEU D 88 -5.96 -21.24 6.84
C LEU D 88 -6.32 -22.69 7.19
N ALA D 89 -5.87 -23.18 8.34
CA ALA D 89 -6.20 -24.54 8.75
C ALA D 89 -7.69 -24.67 8.97
N GLY D 90 -8.25 -23.74 9.75
CA GLY D 90 -9.64 -23.82 10.17
C GLY D 90 -10.67 -23.44 9.11
N ILE D 91 -10.24 -23.45 7.86
CA ILE D 91 -11.09 -23.07 6.74
C ILE D 91 -11.80 -24.28 6.12
N GLN D 92 -12.99 -24.01 5.58
CA GLN D 92 -13.69 -24.91 4.64
C GLN D 92 -15.00 -24.26 4.15
N HIS D 95 -11.04 -26.88 2.91
CA HIS D 95 -9.83 -27.10 3.74
C HIS D 95 -8.56 -26.68 3.00
N ALA D 96 -7.78 -25.78 3.59
CA ALA D 96 -6.66 -25.15 2.89
C ALA D 96 -5.28 -25.66 3.30
N MSE D 97 -5.15 -26.15 4.52
CA MSE D 97 -3.92 -26.79 4.93
C MSE D 97 -4.21 -28.04 5.74
O MSE D 97 -5.03 -28.00 6.67
CB MSE D 97 -3.05 -25.83 5.75
CG MSE D 97 -2.39 -24.73 4.95
SE MSE D 97 -1.08 -23.76 6.03
CE MSE D 97 0.12 -25.22 6.45
N THR D 98 -3.56 -29.15 5.40
CA THR D 98 -3.63 -30.33 6.24
C THR D 98 -2.90 -30.03 7.55
N PRO D 99 -3.46 -30.48 8.67
CA PRO D 99 -2.83 -30.39 10.00
C PRO D 99 -1.36 -30.81 9.99
N HIS D 100 -0.99 -31.76 9.13
CA HIS D 100 0.42 -32.09 9.01
C HIS D 100 1.17 -30.88 8.46
N GLN D 101 0.59 -30.24 7.47
CA GLN D 101 1.22 -29.06 6.87
C GLN D 101 1.40 -27.95 7.90
N VAL D 102 0.36 -27.68 8.68
CA VAL D 102 0.44 -26.70 9.76
C VAL D 102 1.55 -27.03 10.76
N GLU D 103 1.56 -28.27 11.26
CA GLU D 103 2.57 -28.67 12.23
C GLU D 103 3.96 -28.47 11.67
N THR D 104 4.18 -29.01 10.48
CA THR D 104 5.46 -28.91 9.81
C THR D 104 5.91 -27.45 9.71
N ALA D 105 5.06 -26.57 9.17
CA ALA D 105 5.45 -25.17 8.99
C ALA D 105 5.75 -24.51 10.32
N GLN D 106 5.03 -24.91 11.36
CA GLN D 106 5.29 -24.40 12.71
C GLN D 106 6.70 -24.67 13.19
N VAL D 107 7.25 -25.84 12.86
CA VAL D 107 8.62 -26.22 13.22
C VAL D 107 9.61 -25.23 12.60
N LEU D 108 9.54 -25.15 11.28
CA LEU D 108 10.35 -24.21 10.50
C LEU D 108 10.27 -22.78 11.04
N ILE D 109 9.06 -22.27 11.28
CA ILE D 109 8.90 -20.93 11.83
C ILE D 109 9.51 -20.78 13.22
N ALA D 110 9.31 -21.78 14.07
CA ALA D 110 9.86 -21.84 15.43
C ALA D 110 11.38 -21.77 15.39
N GLU D 111 11.96 -22.46 14.42
CA GLU D 111 13.39 -22.44 14.25
C GLU D 111 13.89 -21.01 13.96
N VAL D 112 13.21 -20.32 13.06
CA VAL D 112 13.55 -18.92 12.76
C VAL D 112 13.36 -18.06 14.03
N GLY D 113 12.33 -18.36 14.80
CA GLY D 113 11.99 -17.53 15.92
C GLY D 113 12.98 -17.56 17.06
N ARG D 114 13.53 -18.74 17.36
CA ARG D 114 14.50 -18.83 18.45
C ARG D 114 15.74 -18.01 18.15
N ILE D 115 16.17 -18.04 16.88
CA ILE D 115 17.27 -17.20 16.44
C ILE D 115 16.92 -15.73 16.63
N LEU D 116 15.70 -15.38 16.23
CA LEU D 116 15.21 -14.00 16.40
C LEU D 116 15.10 -13.61 17.87
N GLY D 117 14.68 -14.57 18.70
CA GLY D 117 14.58 -14.35 20.12
C GLY D 117 15.93 -13.96 20.69
N SER D 118 16.97 -14.69 20.28
CA SER D 118 18.30 -14.47 20.83
C SER D 118 18.86 -13.15 20.36
N TRP D 119 18.84 -12.96 19.04
CA TRP D 119 19.23 -11.70 18.41
C TRP D 119 18.54 -10.54 19.15
N ILE D 120 17.26 -10.70 19.47
CA ILE D 120 16.50 -9.68 20.20
C ILE D 120 17.01 -9.50 21.63
N ALA D 121 17.07 -10.59 22.38
CA ALA D 121 17.54 -10.53 23.75
C ALA D 121 19.02 -10.14 23.84
N ARG D 122 19.73 -10.23 22.71
CA ARG D 122 21.14 -9.85 22.60
C ARG D 122 21.32 -8.33 22.50
N VAL D 123 20.48 -7.68 21.71
CA VAL D 123 20.52 -6.22 21.55
C VAL D 123 19.91 -5.53 22.79
N ASN D 124 19.22 -6.31 23.62
CA ASN D 124 18.70 -5.80 24.90
C ASN D 124 19.65 -6.01 26.08
N ARG D 125 20.49 -7.04 25.99
CA ARG D 125 21.61 -7.24 26.92
C ARG D 125 22.79 -6.33 26.54
N LYS D 126 22.75 -5.77 25.32
CA LYS D 126 23.75 -4.81 24.86
C LYS D 126 23.30 -3.37 25.14
N GLY D 127 21.99 -3.17 25.24
CA GLY D 127 21.43 -1.87 25.57
C GLY D 127 21.39 -1.60 27.07
N GLN D 128 22.42 -2.05 27.79
CA GLN D 128 22.54 -1.82 29.21
C GLN D 128 23.95 -1.33 29.57
N MSE E 17 22.03 11.61 -10.93
CA MSE E 17 21.47 10.27 -10.85
C MSE E 17 22.23 9.30 -11.76
O MSE E 17 21.67 8.73 -12.70
CB MSE E 17 19.99 10.27 -11.22
CG MSE E 17 19.10 10.94 -10.17
SE MSE E 17 19.17 10.10 -8.39
CE MSE E 17 17.72 11.10 -7.58
N LEU E 18 23.53 9.14 -11.49
CA LEU E 18 24.32 8.09 -12.11
C LEU E 18 23.67 6.74 -11.79
N ILE E 19 23.17 6.62 -10.56
CA ILE E 19 22.65 5.35 -10.06
C ILE E 19 21.40 4.84 -10.78
N VAL E 20 20.50 5.76 -11.14
CA VAL E 20 19.27 5.43 -11.84
C VAL E 20 19.59 4.91 -13.22
N GLU E 21 20.52 5.57 -13.90
CA GLU E 21 20.88 5.16 -15.23
C GLU E 21 21.52 3.77 -15.22
N ARG E 22 22.39 3.51 -14.25
CA ARG E 22 22.95 2.16 -14.12
C ARG E 22 21.84 1.18 -13.79
N TYR E 23 20.97 1.56 -12.86
CA TYR E 23 19.88 0.67 -12.48
C TYR E 23 19.02 0.31 -13.64
N GLU E 24 18.88 1.24 -14.60
CA GLU E 24 18.06 1.02 -15.78
C GLU E 24 18.53 -0.18 -16.58
N ARG E 25 19.84 -0.45 -16.53
CA ARG E 25 20.39 -1.64 -17.14
C ARG E 25 19.80 -2.87 -16.50
N VAL E 26 19.70 -2.83 -15.17
CA VAL E 26 19.11 -3.94 -14.41
C VAL E 26 17.67 -4.21 -14.86
N ILE E 27 16.90 -3.13 -15.01
CA ILE E 27 15.50 -3.19 -15.43
C ILE E 27 15.40 -3.78 -16.82
N SER E 28 16.23 -3.26 -17.73
CA SER E 28 16.30 -3.70 -19.12
C SER E 28 16.50 -5.20 -19.25
N TYR E 29 17.40 -5.74 -18.44
CA TYR E 29 17.69 -7.17 -18.50
C TYR E 29 16.62 -7.95 -17.77
N LEU E 30 16.28 -7.51 -16.55
CA LEU E 30 15.31 -8.23 -15.72
C LEU E 30 13.83 -8.15 -16.13
N TYR E 31 13.36 -7.00 -16.62
CA TYR E 31 11.92 -6.86 -16.93
C TYR E 31 11.30 -7.83 -17.96
N PRO E 32 12.02 -8.18 -19.04
CA PRO E 32 11.46 -9.18 -19.96
C PRO E 32 11.36 -10.56 -19.31
N ILE E 33 12.34 -10.88 -18.46
CA ILE E 33 12.36 -12.15 -17.78
C ILE E 33 11.18 -12.24 -16.83
N ALA E 34 11.00 -11.17 -16.05
CA ALA E 34 9.87 -11.05 -15.13
C ALA E 34 8.58 -11.33 -15.87
N GLN E 35 8.36 -10.59 -16.97
CA GLN E 35 7.21 -10.76 -17.88
C GLN E 35 6.85 -12.21 -18.18
N SER E 36 7.81 -12.99 -18.67
CA SER E 36 7.53 -14.35 -19.13
C SER E 36 7.33 -15.42 -18.03
N ILE E 37 7.33 -15.00 -16.76
CA ILE E 37 6.92 -15.89 -15.66
C ILE E 37 5.46 -16.30 -15.84
N PRO E 38 5.15 -17.61 -15.77
CA PRO E 38 3.77 -18.08 -15.97
C PRO E 38 2.79 -17.48 -14.97
N ARG E 39 1.52 -17.28 -15.35
CA ARG E 39 0.54 -16.66 -14.47
C ARG E 39 0.29 -17.53 -13.24
N LYS E 40 0.74 -18.78 -13.31
CA LYS E 40 0.71 -19.69 -12.18
C LYS E 40 1.33 -19.00 -10.99
N HIS E 41 2.50 -18.38 -11.20
CA HIS E 41 3.15 -17.64 -10.11
C HIS E 41 2.72 -16.17 -10.14
N GLY E 42 1.41 -15.94 -10.29
CA GLY E 42 0.85 -14.61 -10.41
C GLY E 42 1.28 -13.59 -9.37
N VAL E 43 1.04 -13.89 -8.09
CA VAL E 43 1.34 -12.93 -7.03
C VAL E 43 2.83 -12.61 -6.93
N ALA E 44 3.66 -13.66 -6.89
CA ALA E 44 5.13 -13.50 -6.82
C ALA E 44 5.69 -12.76 -8.04
N ARG E 45 5.17 -13.11 -9.20
CA ARG E 45 5.49 -12.38 -10.42
C ARG E 45 5.22 -10.87 -10.32
N GLU E 46 4.10 -10.51 -9.69
CA GLU E 46 3.77 -9.10 -9.58
C GLU E 46 4.59 -8.38 -8.50
N MSE E 47 4.81 -9.04 -7.37
CA MSE E 47 5.53 -8.39 -6.28
C MSE E 47 6.96 -8.14 -6.71
O MSE E 47 7.59 -7.16 -6.28
CB MSE E 47 5.56 -9.28 -5.05
CG MSE E 47 4.22 -9.52 -4.39
SE MSE E 47 4.60 -10.78 -2.97
CE MSE E 47 5.69 -9.73 -1.76
N PHE E 48 7.48 -9.05 -7.52
CA PHE E 48 8.82 -8.96 -8.07
C PHE E 48 8.92 -7.75 -9.00
N LEU E 49 8.05 -7.71 -10.02
CA LEU E 49 7.96 -6.58 -10.95
C LEU E 49 7.89 -5.27 -10.19
N LYS E 50 7.11 -5.27 -9.12
CA LYS E 50 6.89 -4.08 -8.32
C LYS E 50 8.12 -3.69 -7.53
N CYS E 51 8.96 -4.66 -7.22
CA CYS E 51 10.19 -4.43 -6.50
C CYS E 51 11.21 -3.89 -7.50
N LEU E 52 11.33 -4.60 -8.60
CA LEU E 52 12.18 -4.21 -9.70
C LEU E 52 11.92 -2.78 -10.17
N LEU E 53 10.67 -2.47 -10.51
CA LEU E 53 10.38 -1.12 -11.03
C LEU E 53 10.30 -0.07 -9.91
N GLY E 54 9.91 -0.48 -8.72
CA GLY E 54 9.72 0.45 -7.62
C GLY E 54 11.03 0.99 -7.08
N GLN E 55 12.10 0.24 -7.34
CA GLN E 55 13.45 0.58 -6.91
C GLN E 55 13.90 1.96 -7.40
N VAL E 56 13.57 2.26 -8.65
CA VAL E 56 13.89 3.56 -9.22
C VAL E 56 13.37 4.68 -8.34
N GLU E 57 12.18 4.49 -7.78
CA GLU E 57 11.61 5.53 -6.94
C GLU E 57 12.42 5.73 -5.67
N LEU E 58 12.77 4.62 -5.03
CA LEU E 58 13.65 4.65 -3.86
C LEU E 58 14.87 5.51 -4.12
N PHE E 59 15.49 5.34 -5.30
CA PHE E 59 16.67 6.13 -5.69
C PHE E 59 16.31 7.60 -5.82
N ILE E 60 15.25 7.87 -6.57
CA ILE E 60 14.82 9.24 -6.85
C ILE E 60 14.56 10.01 -5.55
N VAL E 61 13.90 9.33 -4.60
CA VAL E 61 13.53 9.92 -3.33
C VAL E 61 14.74 10.27 -2.48
N ALA E 62 15.70 9.36 -2.40
CA ALA E 62 16.93 9.63 -1.67
C ALA E 62 17.68 10.81 -2.29
N GLY E 63 17.63 10.91 -3.61
CA GLY E 63 18.24 12.02 -4.33
C GLY E 63 17.58 13.37 -4.06
N LYS E 64 16.24 13.42 -4.10
CA LYS E 64 15.50 14.65 -3.72
C LYS E 64 15.30 14.69 -2.20
N SER E 65 16.37 14.42 -1.45
CA SER E 65 16.31 14.45 0.00
C SER E 65 17.70 14.56 0.61
N ASN E 66 17.73 14.80 1.92
CA ASN E 66 18.98 14.78 2.65
C ASN E 66 19.14 13.55 3.52
N GLN E 67 18.03 13.08 4.11
CA GLN E 67 18.08 11.98 5.09
C GLN E 67 18.77 10.72 4.54
N VAL E 68 19.78 10.23 5.27
CA VAL E 68 20.45 8.99 4.92
C VAL E 68 19.50 7.80 4.94
N SER E 69 18.44 7.88 5.75
CA SER E 69 17.50 6.78 5.88
C SER E 69 16.90 6.42 4.52
N LYS E 70 16.75 7.41 3.64
CA LYS E 70 16.24 7.16 2.29
C LYS E 70 17.23 6.34 1.47
N LEU E 71 18.52 6.45 1.81
CA LEU E 71 19.53 5.68 1.11
C LEU E 71 19.57 4.22 1.59
N TYR E 72 19.44 4.02 2.90
CA TYR E 72 19.46 2.67 3.45
C TYR E 72 18.23 1.96 2.90
N ALA E 73 17.13 2.72 2.88
CA ALA E 73 15.88 2.28 2.25
C ALA E 73 16.13 1.77 0.85
N ALA E 74 16.90 2.53 0.08
CA ALA E 74 17.27 2.13 -1.26
C ALA E 74 18.10 0.88 -1.20
N ASP E 75 18.98 0.77 -0.19
CA ASP E 75 19.81 -0.43 -0.02
C ASP E 75 18.97 -1.66 0.32
N ALA E 76 17.98 -1.46 1.18
CA ALA E 76 17.05 -2.52 1.53
C ALA E 76 16.37 -3.04 0.26
N GLY E 77 15.89 -2.12 -0.56
CA GLY E 77 15.30 -2.46 -1.84
C GLY E 77 16.19 -3.29 -2.76
N LEU E 78 17.50 -3.04 -2.70
CA LEU E 78 18.44 -3.83 -3.51
C LEU E 78 18.63 -5.23 -2.90
N ALA E 79 18.72 -5.27 -1.56
CA ALA E 79 18.76 -6.55 -0.87
C ALA E 79 17.58 -7.40 -1.31
N MSE E 80 16.39 -6.80 -1.27
CA MSE E 80 15.18 -7.53 -1.59
C MSE E 80 15.13 -7.92 -3.05
O MSE E 80 14.60 -8.96 -3.42
CB MSE E 80 13.95 -6.69 -1.22
CG MSE E 80 12.65 -7.43 -1.36
SE MSE E 80 12.49 -8.87 -0.07
CE MSE E 80 10.94 -9.75 -0.87
N LEU E 81 15.72 -7.10 -3.92
CA LEU E 81 15.79 -7.47 -5.33
C LEU E 81 16.66 -8.72 -5.47
N ARG E 82 17.73 -8.79 -4.67
CA ARG E 82 18.60 -9.97 -4.65
C ARG E 82 17.83 -11.22 -4.19
N PHE E 83 16.93 -11.06 -3.21
CA PHE E 83 16.16 -12.20 -2.76
C PHE E 83 15.27 -12.75 -3.86
N TRP E 84 14.74 -11.87 -4.71
CA TRP E 84 13.79 -12.30 -5.72
C TRP E 84 14.45 -13.22 -6.74
N LEU E 85 15.72 -12.95 -7.01
CA LEU E 85 16.53 -13.78 -7.88
C LEU E 85 16.75 -15.17 -7.29
N ARG E 86 17.16 -15.24 -6.03
CA ARG E 86 17.28 -16.53 -5.34
C ARG E 86 15.96 -17.26 -5.37
N PHE E 87 14.87 -16.51 -5.26
CA PHE E 87 13.54 -17.09 -5.26
C PHE E 87 13.14 -17.66 -6.62
N LEU E 88 13.42 -16.91 -7.69
CA LEU E 88 13.00 -17.34 -9.02
C LEU E 88 13.87 -18.47 -9.58
N ALA E 89 15.03 -18.64 -8.96
CA ALA E 89 15.88 -19.79 -9.24
C ALA E 89 15.22 -21.05 -8.68
N GLY E 90 15.14 -21.11 -7.36
CA GLY E 90 14.47 -22.20 -6.67
C GLY E 90 12.94 -22.12 -6.74
N ILE E 91 12.39 -22.40 -7.92
CA ILE E 91 10.95 -22.36 -8.15
C ILE E 91 10.51 -23.59 -8.98
N HIS E 95 13.80 -23.84 -14.93
CA HIS E 95 12.45 -23.59 -14.44
C HIS E 95 12.28 -22.16 -13.89
N ALA E 96 11.93 -21.25 -14.80
CA ALA E 96 11.58 -19.85 -14.51
C ALA E 96 12.72 -18.84 -14.31
N MSE E 97 13.96 -19.31 -14.24
CA MSE E 97 15.17 -18.46 -14.32
C MSE E 97 16.43 -19.34 -14.37
O MSE E 97 16.75 -20.03 -13.40
CB MSE E 97 15.29 -17.46 -13.15
CG MSE E 97 15.28 -15.98 -13.60
SE MSE E 97 15.90 -14.61 -12.30
CE MSE E 97 17.21 -13.73 -13.44
N THR E 98 17.11 -19.30 -15.53
CA THR E 98 18.42 -19.98 -15.74
C THR E 98 19.53 -19.34 -14.89
N PRO E 99 20.47 -20.15 -14.38
CA PRO E 99 21.55 -19.66 -13.52
C PRO E 99 22.47 -18.69 -14.24
N HIS E 100 22.47 -18.72 -15.57
CA HIS E 100 23.21 -17.74 -16.36
C HIS E 100 22.61 -16.37 -16.12
N GLN E 101 21.28 -16.32 -16.15
CA GLN E 101 20.51 -15.09 -15.96
C GLN E 101 20.77 -14.48 -14.58
N VAL E 102 20.70 -15.32 -13.54
CA VAL E 102 21.05 -14.90 -12.19
C VAL E 102 22.47 -14.31 -12.17
N GLU E 103 23.38 -15.00 -12.84
CA GLU E 103 24.79 -14.59 -12.91
C GLU E 103 24.88 -13.16 -13.47
N THR E 104 24.34 -12.98 -14.69
CA THR E 104 24.29 -11.67 -15.32
C THR E 104 23.67 -10.60 -14.43
N ALA E 105 22.47 -10.89 -13.95
CA ALA E 105 21.69 -9.93 -13.15
C ALA E 105 22.40 -9.51 -11.86
N GLN E 106 22.99 -10.47 -11.17
CA GLN E 106 23.75 -10.13 -9.96
C GLN E 106 24.89 -9.13 -10.25
N VAL E 107 25.47 -9.18 -11.46
CA VAL E 107 26.57 -8.28 -11.79
C VAL E 107 26.05 -6.85 -11.92
N LEU E 108 25.02 -6.69 -12.73
CA LEU E 108 24.34 -5.41 -12.92
C LEU E 108 23.92 -4.76 -11.59
N ILE E 109 23.45 -5.59 -10.67
CA ILE E 109 22.99 -5.12 -9.36
C ILE E 109 24.17 -4.71 -8.49
N ALA E 110 25.24 -5.51 -8.58
CA ALA E 110 26.49 -5.20 -7.92
C ALA E 110 27.01 -3.83 -8.37
N GLU E 111 26.87 -3.56 -9.67
CA GLU E 111 27.30 -2.29 -10.25
C GLU E 111 26.56 -1.12 -9.61
N VAL E 112 25.23 -1.24 -9.57
CA VAL E 112 24.38 -0.29 -8.86
C VAL E 112 24.75 -0.19 -7.38
N GLY E 113 24.82 -1.36 -6.72
CA GLY E 113 25.17 -1.44 -5.31
C GLY E 113 26.50 -0.77 -4.99
N ARG E 114 27.43 -0.88 -5.92
CA ARG E 114 28.70 -0.18 -5.83
C ARG E 114 28.48 1.32 -5.64
N ILE E 115 27.84 1.94 -6.62
CA ILE E 115 27.54 3.38 -6.58
C ILE E 115 26.82 3.81 -5.32
N LEU E 116 25.82 3.03 -4.94
CA LEU E 116 25.08 3.29 -3.70
C LEU E 116 26.02 3.25 -2.51
N GLY E 117 26.95 2.31 -2.53
CA GLY E 117 27.96 2.20 -1.48
C GLY E 117 28.74 3.49 -1.26
N SER E 118 29.31 4.01 -2.35
CA SER E 118 30.01 5.30 -2.32
C SER E 118 29.09 6.39 -1.78
N TRP E 119 28.00 6.65 -2.51
CA TRP E 119 27.05 7.70 -2.18
C TRP E 119 26.73 7.76 -0.68
N ILE E 120 26.49 6.61 -0.07
CA ILE E 120 26.21 6.56 1.36
C ILE E 120 27.41 7.04 2.18
N ALA E 121 28.56 6.42 1.98
CA ALA E 121 29.78 6.79 2.68
C ALA E 121 30.07 8.29 2.61
N ARG E 122 29.84 8.87 1.43
CA ARG E 122 30.12 10.28 1.20
C ARG E 122 29.14 11.17 1.95
N VAL E 123 27.98 10.62 2.26
CA VAL E 123 26.97 11.34 3.04
C VAL E 123 27.21 11.14 4.54
N ASN E 124 27.89 10.04 4.88
CA ASN E 124 28.21 9.77 6.27
C ASN E 124 29.47 10.50 6.77
N ARG E 125 30.42 10.73 5.87
CA ARG E 125 31.55 11.59 6.21
C ARG E 125 31.02 13.02 6.48
N LYS E 126 30.49 13.20 7.69
CA LYS E 126 29.83 14.44 8.10
C LYS E 126 28.60 14.73 7.24
P PO4 F . -4.75 -5.93 -7.63
O1 PO4 F . -3.93 -6.84 -8.56
O2 PO4 F . -3.88 -5.47 -6.47
O3 PO4 F . -5.20 -4.71 -8.40
O4 PO4 F . -5.91 -6.71 -7.04
#